data_3G7B
#
_entry.id   3G7B
#
_cell.length_a   144.000
_cell.length_b   55.840
_cell.length_c   50.420
_cell.angle_alpha   90.00
_cell.angle_beta   99.80
_cell.angle_gamma   90.00
#
_symmetry.space_group_name_H-M   'C 1 2 1'
#
loop_
_entity.id
_entity.type
_entity.pdbx_description
1 polymer 'DNA gyrase subunit B'
2 non-polymer 'methyl ({5-[4-(4-hydroxypiperidin-1-yl)-2-phenyl-1,3-thiazol-5-yl]-1H-pyrazol-3-yl}methyl)carbamate'
3 water water
#
_entity_poly.entity_id   1
_entity_poly.type   'polypeptide(L)'
_entity_poly.pdbx_seq_one_letter_code
;GLEAVRKRPGMYIGSTSERGLHHLVWEIVDNSIDEALAGYANQIEVVIEKDNWIKVTDNGRGIPVDIQEKMGRPAVEVIL
TSSVVNALSQDLEVYVHRNETIYHQAYKKGVPQFDLKEVGTTDKTGTVIRFKADGEIFTETTVYNYETLQQRIRELAFLN
KGIQITLRDERDEENVREDSYHYE
;
_entity_poly.pdbx_strand_id   A,B
#
loop_
_chem_comp.id
_chem_comp.type
_chem_comp.name
_chem_comp.formula
B47 non-polymer 'methyl ({5-[4-(4-hydroxypiperidin-1-yl)-2-phenyl-1,3-thiazol-5-yl]-1H-pyrazol-3-yl}methyl)carbamate' 'C20 H23 N5 O3 S'
#
# COMPACT_ATOMS: atom_id res chain seq x y z
N GLY A 1 -7.20 -32.79 -23.72
CA GLY A 1 -7.42 -31.40 -24.21
C GLY A 1 -6.44 -30.41 -23.62
N LEU A 2 -6.08 -30.59 -22.35
CA LEU A 2 -5.23 -29.63 -21.67
C LEU A 2 -3.75 -29.96 -21.81
N GLU A 3 -3.44 -31.25 -21.93
CA GLU A 3 -2.08 -31.67 -22.24
C GLU A 3 -1.70 -31.10 -23.60
N ALA A 4 -2.71 -30.82 -24.43
CA ALA A 4 -2.48 -30.17 -25.72
C ALA A 4 -1.84 -28.80 -25.53
N VAL A 5 -2.16 -28.16 -24.41
CA VAL A 5 -1.62 -26.85 -24.10
C VAL A 5 -0.18 -26.98 -23.62
N ARG A 6 0.05 -27.91 -22.71
CA ARG A 6 1.35 -28.06 -22.08
C ARG A 6 2.40 -28.58 -23.06
N LYS A 7 1.96 -29.18 -24.15
CA LYS A 7 2.87 -29.73 -25.15
C LYS A 7 3.07 -28.76 -26.32
N ARG A 8 2.03 -28.01 -26.66
CA ARG A 8 2.12 -27.01 -27.72
C ARG A 8 1.70 -25.64 -27.23
N PRO A 9 2.34 -25.15 -26.16
CA PRO A 9 1.91 -23.93 -25.47
C PRO A 9 1.85 -22.67 -26.34
N GLY A 10 2.85 -22.49 -27.20
CA GLY A 10 2.90 -21.31 -28.04
C GLY A 10 1.72 -21.24 -28.99
N MET A 11 1.12 -22.38 -29.27
CA MET A 11 -0.06 -22.43 -30.13
C MET A 11 -1.25 -21.84 -29.39
N TYR A 12 -1.10 -21.66 -28.08
CA TYR A 12 -2.14 -21.08 -27.25
C TYR A 12 -1.70 -19.75 -26.64
N ILE A 13 -0.45 -19.69 -26.21
CA ILE A 13 0.02 -18.55 -25.43
C ILE A 13 0.89 -17.62 -26.26
N GLY A 14 1.66 -18.19 -27.19
CA GLY A 14 2.55 -17.39 -28.00
C GLY A 14 3.95 -17.34 -27.41
N SER A 15 4.80 -18.26 -27.85
CA SER A 15 6.16 -18.38 -27.33
C SER A 15 6.12 -18.68 -25.84
N THR A 16 7.17 -19.31 -25.34
CA THR A 16 7.29 -19.57 -23.91
C THR A 16 8.28 -18.63 -23.25
N SER A 17 8.59 -17.53 -23.93
CA SER A 17 9.57 -16.56 -23.42
C SER A 17 8.92 -15.57 -22.47
N GLU A 18 9.58 -14.45 -22.23
CA GLU A 18 9.15 -13.51 -21.20
C GLU A 18 7.77 -12.94 -21.50
N ARG A 19 7.54 -12.55 -22.76
CA ARG A 19 6.23 -12.06 -23.16
C ARG A 19 5.16 -13.12 -22.91
N GLY A 20 5.52 -14.38 -23.13
CA GLY A 20 4.61 -15.47 -22.83
C GLY A 20 4.33 -15.55 -21.34
N LEU A 21 5.38 -15.39 -20.53
CA LEU A 21 5.22 -15.41 -19.07
C LEU A 21 4.23 -14.32 -18.62
N HIS A 22 4.34 -13.14 -19.21
CA HIS A 22 3.51 -12.03 -18.80
C HIS A 22 2.11 -12.14 -19.40
N HIS A 23 1.97 -12.96 -20.44
CA HIS A 23 0.67 -13.14 -21.05
C HIS A 23 -0.24 -13.81 -20.03
N LEU A 24 0.33 -14.70 -19.21
CA LEU A 24 -0.42 -15.38 -18.16
C LEU A 24 -1.16 -14.40 -17.28
N VAL A 25 -0.44 -13.39 -16.81
CA VAL A 25 -1.03 -12.40 -15.91
C VAL A 25 -2.21 -11.74 -16.60
N TRP A 26 -2.01 -11.38 -17.87
CA TRP A 26 -3.05 -10.66 -18.60
C TRP A 26 -4.29 -11.52 -18.86
N GLU A 27 -4.11 -12.84 -18.92
CA GLU A 27 -5.27 -13.72 -19.13
C GLU A 27 -6.17 -13.68 -17.90
N ILE A 28 -5.57 -13.80 -16.72
CA ILE A 28 -6.37 -13.76 -15.50
C ILE A 28 -6.97 -12.36 -15.31
N VAL A 29 -6.14 -11.34 -15.44
CA VAL A 29 -6.60 -9.97 -15.30
C VAL A 29 -7.71 -9.60 -16.27
N ASP A 30 -7.55 -9.96 -17.54
CA ASP A 30 -8.59 -9.67 -18.53
C ASP A 30 -9.92 -10.20 -18.01
N ASN A 31 -9.87 -11.37 -17.40
CA ASN A 31 -11.06 -12.00 -16.86
C ASN A 31 -11.68 -11.18 -15.73
N SER A 32 -10.85 -10.67 -14.83
CA SER A 32 -11.29 -9.80 -13.75
C SER A 32 -11.89 -8.54 -14.35
N ILE A 33 -11.28 -8.06 -15.43
CA ILE A 33 -11.80 -6.89 -16.15
C ILE A 33 -13.18 -7.19 -16.73
N ASP A 34 -13.39 -8.43 -17.19
CA ASP A 34 -14.71 -8.80 -17.65
C ASP A 34 -15.71 -8.67 -16.51
N GLU A 35 -15.32 -9.12 -15.30
CA GLU A 35 -16.20 -9.04 -14.13
C GLU A 35 -16.56 -7.58 -13.84
N ALA A 36 -15.58 -6.69 -14.01
CA ALA A 36 -15.83 -5.25 -13.87
C ALA A 36 -16.79 -4.79 -14.97
N LEU A 37 -16.49 -5.14 -16.22
CA LEU A 37 -17.33 -4.70 -17.34
C LEU A 37 -18.75 -5.22 -17.21
N ALA A 38 -18.92 -6.35 -16.52
CA ALA A 38 -20.27 -6.87 -16.31
C ALA A 38 -20.94 -6.14 -15.14
N GLY A 39 -20.17 -5.30 -14.47
CA GLY A 39 -20.74 -4.37 -13.51
C GLY A 39 -20.66 -4.79 -12.04
N TYR A 40 -19.82 -5.77 -11.73
CA TYR A 40 -19.76 -6.29 -10.37
C TYR A 40 -18.46 -6.01 -9.63
N ALA A 41 -17.33 -6.05 -10.32
CA ALA A 41 -16.04 -5.81 -9.68
C ALA A 41 -15.62 -4.35 -9.89
N ASN A 42 -15.02 -3.75 -8.85
CA ASN A 42 -14.45 -2.40 -9.00
C ASN A 42 -13.06 -2.27 -8.40
N GLN A 43 -12.56 -3.37 -7.84
CA GLN A 43 -11.23 -3.42 -7.27
C GLN A 43 -10.52 -4.64 -7.78
N ILE A 44 -9.39 -4.43 -8.44
CA ILE A 44 -8.56 -5.52 -8.90
C ILE A 44 -7.16 -5.33 -8.34
N GLU A 45 -6.59 -6.41 -7.80
CA GLU A 45 -5.25 -6.33 -7.24
C GLU A 45 -4.35 -7.39 -7.86
N VAL A 46 -3.14 -6.98 -8.21
CA VAL A 46 -2.15 -7.90 -8.74
C VAL A 46 -0.92 -7.84 -7.86
N VAL A 47 -0.49 -8.99 -7.36
CA VAL A 47 0.68 -9.02 -6.50
C VAL A 47 1.70 -10.00 -7.05
N ILE A 48 2.94 -9.54 -7.17
CA ILE A 48 4.05 -10.45 -7.47
C ILE A 48 4.61 -10.94 -6.14
N GLU A 49 4.51 -12.24 -5.89
CA GLU A 49 4.88 -12.79 -4.60
C GLU A 49 6.27 -13.42 -4.66
N LYS A 50 6.81 -13.72 -3.48
CA LYS A 50 8.04 -14.51 -3.40
C LYS A 50 7.91 -15.70 -4.35
N ASP A 51 9.03 -16.11 -4.93
CA ASP A 51 9.07 -17.21 -5.90
C ASP A 51 8.43 -16.84 -7.22
N ASN A 52 8.16 -15.56 -7.41
CA ASN A 52 7.43 -15.12 -8.59
C ASN A 52 6.12 -15.86 -8.78
N TRP A 53 5.47 -16.22 -7.69
CA TRP A 53 4.05 -16.52 -7.74
C TRP A 53 3.34 -15.23 -8.15
N ILE A 54 2.17 -15.36 -8.76
CA ILE A 54 1.35 -14.18 -9.06
C ILE A 54 0.00 -14.35 -8.38
N LYS A 55 -0.47 -13.28 -7.74
CA LYS A 55 -1.81 -13.30 -7.19
C LYS A 55 -2.69 -12.22 -7.78
N VAL A 56 -3.90 -12.61 -8.12
CA VAL A 56 -4.87 -11.67 -8.66
C VAL A 56 -6.16 -11.75 -7.87
N THR A 57 -6.63 -10.60 -7.43
CA THR A 57 -7.84 -10.52 -6.64
C THR A 57 -8.77 -9.49 -7.24
N ASP A 58 -10.03 -9.87 -7.44
CA ASP A 58 -11.07 -8.89 -7.67
C ASP A 58 -12.21 -9.05 -6.65
N ASN A 59 -13.07 -8.04 -6.58
CA ASN A 59 -14.26 -8.15 -5.76
C ASN A 59 -15.53 -8.24 -6.61
N GLY A 60 -15.46 -8.99 -7.72
CA GLY A 60 -16.66 -9.34 -8.48
C GLY A 60 -17.53 -10.36 -7.76
N ARG A 61 -18.28 -11.16 -8.52
CA ARG A 61 -19.22 -12.12 -7.92
C ARG A 61 -18.57 -13.41 -7.44
N GLY A 62 -17.33 -13.66 -7.85
CA GLY A 62 -16.70 -14.93 -7.59
C GLY A 62 -17.12 -15.96 -8.63
N ILE A 63 -16.14 -16.70 -9.15
CA ILE A 63 -16.43 -17.77 -10.08
C ILE A 63 -17.44 -18.72 -9.47
N PRO A 64 -18.52 -19.03 -10.21
CA PRO A 64 -19.59 -19.92 -9.75
C PRO A 64 -19.04 -21.26 -9.27
N VAL A 65 -19.72 -21.86 -8.31
CA VAL A 65 -19.28 -23.13 -7.74
C VAL A 65 -20.35 -24.22 -7.78
N ASP A 66 -21.55 -23.87 -8.22
CA ASP A 66 -22.65 -24.82 -8.29
C ASP A 66 -22.29 -26.01 -9.17
N ILE A 67 -22.74 -27.21 -8.79
CA ILE A 67 -22.46 -28.39 -9.58
C ILE A 67 -23.06 -28.20 -10.96
N GLN A 68 -22.19 -28.20 -11.97
CA GLN A 68 -22.62 -27.95 -13.35
C GLN A 68 -23.07 -29.27 -13.97
N GLU A 69 -24.37 -29.39 -14.22
CA GLU A 69 -24.99 -30.68 -14.51
C GLU A 69 -24.56 -31.26 -15.86
N LYS A 70 -23.74 -32.31 -15.80
CA LYS A 70 -23.20 -32.95 -16.99
C LYS A 70 -22.15 -33.99 -16.57
N MET A 71 -21.34 -33.66 -15.57
CA MET A 71 -20.32 -34.57 -15.06
C MET A 71 -20.29 -34.57 -13.53
N GLY A 72 -20.85 -33.53 -12.92
CA GLY A 72 -20.97 -33.51 -11.48
C GLY A 72 -19.84 -32.74 -10.79
N ARG A 73 -19.20 -31.83 -11.53
CA ARG A 73 -18.14 -31.03 -10.96
C ARG A 73 -18.57 -29.59 -10.77
N PRO A 74 -18.02 -28.91 -9.74
CA PRO A 74 -18.32 -27.50 -9.55
C PRO A 74 -17.95 -26.72 -10.80
N ALA A 75 -18.76 -25.75 -11.18
CA ALA A 75 -18.49 -24.99 -12.39
C ALA A 75 -17.04 -24.49 -12.37
N VAL A 76 -16.58 -23.99 -11.23
CA VAL A 76 -15.25 -23.42 -11.12
C VAL A 76 -14.15 -24.42 -11.48
N GLU A 77 -14.30 -25.67 -11.03
CA GLU A 77 -13.37 -26.70 -11.45
C GLU A 77 -13.48 -26.91 -12.96
N VAL A 78 -14.70 -26.91 -13.48
CA VAL A 78 -14.88 -27.10 -14.91
C VAL A 78 -14.13 -26.00 -15.66
N ILE A 79 -14.26 -24.76 -15.18
CA ILE A 79 -13.62 -23.64 -15.83
C ILE A 79 -12.11 -23.71 -15.69
N LEU A 80 -11.62 -23.89 -14.47
CA LEU A 80 -10.19 -23.91 -14.23
C LEU A 80 -9.49 -25.02 -15.01
N THR A 81 -10.15 -26.17 -15.15
CA THR A 81 -9.55 -27.24 -15.89
C THR A 81 -9.64 -27.01 -17.40
N SER A 82 -10.11 -25.83 -17.81
CA SER A 82 -9.96 -25.40 -19.19
C SER A 82 -9.08 -24.15 -19.33
N SER A 83 -8.47 -23.74 -18.23
CA SER A 83 -7.65 -22.53 -18.26
C SER A 83 -6.24 -22.82 -18.72
N VAL A 84 -5.83 -22.14 -19.78
CA VAL A 84 -4.46 -22.21 -20.26
C VAL A 84 -3.48 -21.82 -19.15
N VAL A 85 -3.81 -20.79 -18.38
CA VAL A 85 -2.94 -20.34 -17.29
C VAL A 85 -2.73 -21.50 -16.33
N ASN A 86 -3.83 -22.14 -15.93
CA ASN A 86 -3.77 -23.29 -15.04
C ASN A 86 -2.90 -24.39 -15.65
N ALA A 87 -3.08 -24.60 -16.95
CA ALA A 87 -2.37 -25.65 -17.66
C ALA A 87 -0.87 -25.35 -17.66
N LEU A 88 -0.52 -24.08 -17.84
CA LEU A 88 0.88 -23.70 -17.88
C LEU A 88 1.42 -23.27 -16.52
N SER A 89 0.75 -23.67 -15.45
CA SER A 89 1.25 -23.40 -14.10
C SER A 89 1.61 -24.68 -13.39
N GLN A 90 2.75 -24.69 -12.71
CA GLN A 90 3.15 -25.88 -11.97
C GLN A 90 2.36 -25.95 -10.67
N ASP A 91 1.92 -24.80 -10.19
CA ASP A 91 0.89 -24.78 -9.15
C ASP A 91 -0.05 -23.62 -9.39
N LEU A 92 -1.34 -23.88 -9.22
CA LEU A 92 -2.34 -22.83 -9.25
C LEU A 92 -3.35 -23.04 -8.11
N GLU A 93 -3.71 -21.95 -7.45
CA GLU A 93 -4.73 -21.98 -6.39
C GLU A 93 -5.87 -21.02 -6.73
N VAL A 94 -7.06 -21.37 -6.27
CA VAL A 94 -8.20 -20.47 -6.38
C VAL A 94 -8.90 -20.37 -5.03
N TYR A 95 -9.39 -19.18 -4.74
CA TYR A 95 -10.26 -18.98 -3.58
C TYR A 95 -11.44 -18.17 -4.08
N VAL A 96 -12.65 -18.68 -3.89
CA VAL A 96 -13.85 -17.97 -4.29
C VAL A 96 -14.61 -17.56 -3.04
N HIS A 97 -14.98 -16.28 -2.96
CA HIS A 97 -15.93 -15.83 -1.93
C HIS A 97 -17.33 -15.69 -2.56
N ARG A 98 -18.27 -16.48 -2.07
CA ARG A 98 -19.61 -16.59 -2.63
C ARG A 98 -20.50 -17.26 -1.59
N ASN A 99 -21.73 -16.77 -1.44
CA ASN A 99 -22.63 -17.33 -0.43
C ASN A 99 -21.96 -17.28 0.94
N GLU A 100 -21.36 -16.15 1.29
CA GLU A 100 -20.69 -15.97 2.57
C GLU A 100 -19.69 -17.09 2.89
N THR A 101 -19.33 -17.86 1.87
CA THR A 101 -18.40 -18.97 2.04
C THR A 101 -17.12 -18.74 1.24
N ILE A 102 -16.01 -19.23 1.77
CA ILE A 102 -14.76 -19.27 1.01
C ILE A 102 -14.54 -20.69 0.51
N TYR A 103 -14.46 -20.83 -0.81
CA TYR A 103 -14.21 -22.13 -1.43
C TYR A 103 -12.77 -22.16 -1.94
N HIS A 104 -12.13 -23.32 -1.82
CA HIS A 104 -10.73 -23.44 -2.24
C HIS A 104 -10.46 -24.70 -3.04
N GLN A 105 -9.65 -24.57 -4.09
CA GLN A 105 -9.10 -25.72 -4.80
C GLN A 105 -7.70 -25.40 -5.26
N ALA A 106 -6.88 -26.43 -5.40
CA ALA A 106 -5.51 -26.28 -5.83
C ALA A 106 -5.26 -27.20 -7.03
N TYR A 107 -4.32 -26.82 -7.90
CA TYR A 107 -3.97 -27.64 -9.06
C TYR A 107 -2.47 -27.74 -9.27
N LYS A 108 -2.05 -28.82 -9.92
CA LYS A 108 -0.70 -28.91 -10.46
C LYS A 108 -0.78 -29.18 -11.96
N LYS A 109 -0.15 -28.31 -12.76
CA LYS A 109 -0.14 -28.45 -14.22
C LYS A 109 -1.56 -28.61 -14.75
N GLY A 110 -2.51 -27.99 -14.06
CA GLY A 110 -3.89 -28.04 -14.53
C GLY A 110 -4.64 -29.22 -13.97
N VAL A 111 -3.97 -30.02 -13.15
CA VAL A 111 -4.62 -31.17 -12.52
C VAL A 111 -5.04 -30.84 -11.10
N PRO A 112 -6.34 -30.99 -10.82
CA PRO A 112 -6.90 -30.76 -9.49
C PRO A 112 -6.24 -31.67 -8.46
N GLN A 113 -5.68 -31.10 -7.41
CA GLN A 113 -5.05 -31.90 -6.37
C GLN A 113 -6.06 -32.46 -5.37
N PHE A 114 -7.13 -31.70 -5.12
CA PHE A 114 -8.26 -32.20 -4.33
C PHE A 114 -9.58 -31.54 -4.75
N ASP A 115 -10.69 -32.04 -4.22
CA ASP A 115 -12.01 -31.47 -4.53
C ASP A 115 -12.18 -30.07 -3.95
N LEU A 116 -12.93 -29.23 -4.66
CA LEU A 116 -13.31 -27.92 -4.12
C LEU A 116 -13.86 -28.14 -2.73
N LYS A 117 -13.40 -27.35 -1.77
CA LYS A 117 -13.88 -27.46 -0.40
C LYS A 117 -14.07 -26.10 0.26
N GLU A 118 -14.98 -26.03 1.24
CA GLU A 118 -15.18 -24.81 1.99
C GLU A 118 -14.09 -24.70 3.06
N VAL A 119 -13.42 -23.56 3.11
CA VAL A 119 -12.35 -23.34 4.08
C VAL A 119 -12.57 -22.10 4.95
N GLY A 120 -13.76 -21.52 4.91
CA GLY A 120 -14.03 -20.37 5.75
C GLY A 120 -15.35 -19.69 5.50
N THR A 121 -15.59 -18.61 6.23
CA THR A 121 -16.77 -17.78 6.00
C THR A 121 -16.29 -16.37 5.64
N THR A 122 -17.16 -15.60 5.00
CA THR A 122 -16.79 -14.29 4.50
C THR A 122 -18.03 -13.44 4.35
N ASP A 123 -17.88 -12.13 4.42
CA ASP A 123 -18.95 -11.24 4.02
C ASP A 123 -18.59 -10.45 2.75
N LYS A 124 -17.58 -10.94 2.04
CA LYS A 124 -17.22 -10.37 0.74
C LYS A 124 -17.59 -11.32 -0.39
N THR A 125 -17.56 -10.80 -1.62
CA THR A 125 -17.58 -11.66 -2.80
C THR A 125 -16.34 -11.38 -3.65
N GLY A 126 -15.96 -12.36 -4.46
CA GLY A 126 -14.86 -12.14 -5.38
C GLY A 126 -14.01 -13.37 -5.61
N THR A 127 -12.95 -13.22 -6.39
CA THR A 127 -12.08 -14.33 -6.70
C THR A 127 -10.62 -14.00 -6.44
N VAL A 128 -9.91 -14.98 -5.89
CA VAL A 128 -8.46 -14.92 -5.75
C VAL A 128 -7.84 -16.03 -6.59
N ILE A 129 -6.93 -15.66 -7.49
CA ILE A 129 -6.12 -16.64 -8.20
C ILE A 129 -4.65 -16.46 -7.85
N ARG A 130 -4.00 -17.55 -7.47
CA ARG A 130 -2.56 -17.56 -7.24
C ARG A 130 -1.94 -18.65 -8.12
N PHE A 131 -1.04 -18.28 -9.01
CA PHE A 131 -0.38 -19.28 -9.83
C PHE A 131 1.11 -19.06 -9.97
N LYS A 132 1.83 -20.17 -10.09
CA LYS A 132 3.28 -20.18 -10.20
C LYS A 132 3.65 -20.84 -11.52
N ALA A 133 4.11 -20.03 -12.47
CA ALA A 133 4.33 -20.49 -13.84
C ALA A 133 5.26 -21.70 -13.84
N ASP A 134 5.04 -22.61 -14.77
CA ASP A 134 5.79 -23.86 -14.81
C ASP A 134 7.22 -23.62 -15.27
N GLY A 135 8.17 -23.93 -14.40
CA GLY A 135 9.57 -23.79 -14.77
C GLY A 135 9.97 -24.65 -15.96
N GLU A 136 9.37 -25.84 -16.07
CA GLU A 136 9.67 -26.73 -17.18
C GLU A 136 9.35 -26.08 -18.53
N ILE A 137 8.34 -25.23 -18.54
CA ILE A 137 7.77 -24.68 -19.78
C ILE A 137 8.30 -23.29 -20.09
N PHE A 138 8.36 -22.45 -19.07
CA PHE A 138 8.99 -21.14 -19.22
C PHE A 138 10.44 -21.20 -18.78
N THR A 139 11.25 -21.90 -19.56
CA THR A 139 12.70 -21.78 -19.48
C THR A 139 13.02 -20.44 -20.14
N GLU A 140 14.26 -20.01 -20.05
CA GLU A 140 14.63 -18.65 -20.39
C GLU A 140 14.41 -17.74 -19.18
N THR A 141 13.15 -17.57 -18.76
CA THR A 141 12.89 -16.83 -17.54
C THR A 141 11.52 -17.07 -16.90
N THR A 142 11.51 -16.99 -15.56
CA THR A 142 10.29 -17.09 -14.77
C THR A 142 10.20 -15.90 -13.81
N VAL A 143 10.97 -14.86 -14.11
CA VAL A 143 10.98 -13.65 -13.30
C VAL A 143 10.16 -12.57 -13.97
N TYR A 144 9.14 -12.09 -13.29
CA TYR A 144 8.33 -11.00 -13.81
C TYR A 144 9.03 -9.65 -13.75
N ASN A 145 8.78 -8.81 -14.76
CA ASN A 145 9.32 -7.46 -14.76
C ASN A 145 8.25 -6.47 -14.30
N TYR A 146 8.56 -5.73 -13.24
CA TYR A 146 7.61 -4.81 -12.64
C TYR A 146 7.15 -3.72 -13.61
N GLU A 147 8.11 -3.04 -14.23
CA GLU A 147 7.79 -1.95 -15.14
C GLU A 147 6.77 -2.39 -16.17
N THR A 148 7.03 -3.54 -16.80
CA THR A 148 6.14 -4.10 -17.83
C THR A 148 4.72 -4.31 -17.32
N LEU A 149 4.58 -4.83 -16.11
CA LEU A 149 3.25 -5.07 -15.57
C LEU A 149 2.61 -3.73 -15.27
N GLN A 150 3.42 -2.78 -14.81
CA GLN A 150 2.91 -1.51 -14.33
C GLN A 150 2.31 -0.71 -15.46
N GLN A 151 2.99 -0.70 -16.59
CA GLN A 151 2.54 0.09 -17.73
C GLN A 151 1.23 -0.46 -18.25
N ARG A 152 1.14 -1.78 -18.38
CA ARG A 152 -0.10 -2.37 -18.85
C ARG A 152 -1.24 -2.12 -17.84
N ILE A 153 -0.96 -2.31 -16.56
CA ILE A 153 -1.93 -2.02 -15.52
C ILE A 153 -2.50 -0.61 -15.68
N ARG A 154 -1.63 0.35 -15.97
CA ARG A 154 -2.03 1.74 -16.05
C ARG A 154 -2.97 1.96 -17.22
N GLU A 155 -2.63 1.38 -18.37
CA GLU A 155 -3.49 1.48 -19.53
C GLU A 155 -4.83 0.87 -19.21
N LEU A 156 -4.80 -0.31 -18.60
CA LEU A 156 -6.04 -1.01 -18.28
C LEU A 156 -6.95 -0.20 -17.38
N ALA A 157 -6.37 0.54 -16.44
CA ALA A 157 -7.15 1.37 -15.54
C ALA A 157 -7.74 2.58 -16.28
N PHE A 158 -6.93 3.19 -17.16
CA PHE A 158 -7.40 4.34 -17.93
C PHE A 158 -8.48 3.94 -18.93
N LEU A 159 -8.41 2.68 -19.36
CA LEU A 159 -9.38 2.10 -20.28
C LEU A 159 -10.69 1.82 -19.54
N ASN A 160 -10.58 1.62 -18.23
CA ASN A 160 -11.71 1.24 -17.42
C ASN A 160 -11.84 2.15 -16.21
N LYS A 161 -12.13 3.42 -16.46
CA LYS A 161 -12.20 4.40 -15.39
C LYS A 161 -13.21 3.99 -14.31
N GLY A 162 -12.90 4.31 -13.07
CA GLY A 162 -13.76 3.94 -11.96
C GLY A 162 -13.36 2.59 -11.37
N ILE A 163 -12.44 1.91 -12.03
CA ILE A 163 -11.99 0.61 -11.54
C ILE A 163 -10.61 0.79 -10.92
N GLN A 164 -10.49 0.43 -9.65
CA GLN A 164 -9.21 0.58 -8.98
C GLN A 164 -8.37 -0.65 -9.23
N ILE A 165 -7.19 -0.46 -9.82
CA ILE A 165 -6.29 -1.57 -10.11
C ILE A 165 -4.96 -1.34 -9.41
N THR A 166 -4.57 -2.26 -8.53
CA THR A 166 -3.35 -2.10 -7.74
C THR A 166 -2.34 -3.16 -8.11
N LEU A 167 -1.10 -2.73 -8.33
CA LEU A 167 0.01 -3.66 -8.49
C LEU A 167 0.97 -3.54 -7.32
N ARG A 168 1.51 -4.68 -6.89
CA ARG A 168 2.41 -4.69 -5.74
C ARG A 168 3.46 -5.80 -5.83
N ASP A 169 4.71 -5.43 -5.58
CA ASP A 169 5.84 -6.34 -5.68
C ASP A 169 6.27 -6.74 -4.28
N GLU A 170 6.12 -8.01 -3.95
CA GLU A 170 6.46 -8.50 -2.62
C GLU A 170 7.65 -9.45 -2.68
N ARG A 171 8.30 -9.52 -3.82
CA ARG A 171 9.38 -10.47 -3.99
C ARG A 171 10.54 -10.13 -3.07
N ASP A 172 10.56 -8.90 -2.57
CA ASP A 172 11.54 -8.52 -1.56
C ASP A 172 10.82 -7.98 -0.34
N GLU A 173 10.68 -8.81 0.69
CA GLU A 173 9.85 -8.45 1.83
C GLU A 173 10.40 -7.23 2.57
N GLU A 174 11.71 -7.02 2.54
CA GLU A 174 12.31 -5.88 3.22
C GLU A 174 12.10 -4.59 2.45
N ASN A 175 11.77 -4.71 1.16
CA ASN A 175 11.59 -3.55 0.30
C ASN A 175 10.40 -3.78 -0.64
N VAL A 176 9.22 -3.38 -0.18
CA VAL A 176 7.98 -3.62 -0.89
C VAL A 176 7.48 -2.38 -1.61
N ARG A 177 7.13 -2.54 -2.87
CA ARG A 177 6.73 -1.42 -3.73
C ARG A 177 5.30 -1.63 -4.24
N GLU A 178 4.52 -0.57 -4.28
CA GLU A 178 3.15 -0.63 -4.80
C GLU A 178 2.74 0.61 -5.59
N ASP A 179 1.99 0.40 -6.68
CA ASP A 179 1.37 1.47 -7.42
C ASP A 179 -0.11 1.18 -7.61
N SER A 180 -0.94 2.19 -7.40
CA SER A 180 -2.39 1.99 -7.45
C SER A 180 -3.06 3.04 -8.32
N TYR A 181 -3.78 2.58 -9.33
CA TYR A 181 -4.42 3.45 -10.31
C TYR A 181 -5.94 3.38 -10.21
N HIS A 182 -6.57 4.56 -10.24
CA HIS A 182 -8.01 4.67 -10.10
C HIS A 182 -8.38 5.96 -10.81
N TYR A 183 -8.79 5.85 -12.07
CA TYR A 183 -9.18 7.01 -12.85
C TYR A 183 -10.68 7.25 -12.72
N GLU A 184 -11.05 8.50 -12.44
CA GLU A 184 -12.45 8.87 -12.36
C GLU A 184 -13.05 8.79 -13.76
N GLY B 1 8.08 32.68 21.84
CA GLY B 1 9.44 32.32 21.35
C GLY B 1 9.46 31.83 19.90
N LEU B 2 8.29 31.61 19.33
CA LEU B 2 8.19 31.08 17.97
C LEU B 2 8.62 32.10 16.92
N GLU B 3 8.46 33.38 17.22
CA GLU B 3 8.86 34.43 16.28
C GLU B 3 10.35 34.33 15.99
N ALA B 4 11.13 33.89 16.97
CA ALA B 4 12.57 33.81 16.81
C ALA B 4 12.95 32.88 15.66
N VAL B 5 12.22 31.77 15.54
CA VAL B 5 12.56 30.77 14.54
C VAL B 5 12.17 31.24 13.15
N ARG B 6 10.98 31.83 13.04
CA ARG B 6 10.51 32.30 11.75
C ARG B 6 11.38 33.45 11.26
N LYS B 7 12.03 34.15 12.19
CA LYS B 7 12.88 35.26 11.80
C LYS B 7 14.25 34.82 11.28
N ARG B 8 14.77 33.70 11.78
CA ARG B 8 15.98 33.13 11.21
C ARG B 8 15.90 31.62 11.03
N PRO B 9 15.01 31.18 10.15
CA PRO B 9 14.74 29.75 9.90
C PRO B 9 16.00 28.94 9.60
N GLY B 10 16.89 29.52 8.80
CA GLY B 10 18.10 28.82 8.39
C GLY B 10 18.97 28.35 9.55
N MET B 11 18.92 29.06 10.67
CA MET B 11 19.75 28.73 11.82
C MET B 11 19.29 27.43 12.50
N TYR B 12 18.01 27.12 12.38
CA TYR B 12 17.45 25.93 13.02
C TYR B 12 17.40 24.76 12.05
N ILE B 13 17.26 25.09 10.77
CA ILE B 13 16.82 24.13 9.77
C ILE B 13 17.83 24.04 8.62
N GLY B 14 18.69 25.03 8.51
CA GLY B 14 19.66 25.04 7.43
C GLY B 14 18.98 25.27 6.10
N SER B 15 19.08 26.50 5.60
CA SER B 15 18.45 26.87 4.33
C SER B 15 16.93 26.71 4.38
N THR B 16 16.25 27.55 3.61
CA THR B 16 14.82 27.42 3.38
C THR B 16 14.64 26.96 1.95
N SER B 17 15.66 26.26 1.44
CA SER B 17 15.65 25.72 0.10
C SER B 17 14.85 24.43 0.08
N GLU B 18 14.80 23.78 -1.08
CA GLU B 18 14.24 22.44 -1.16
C GLU B 18 14.90 21.61 -0.06
N ARG B 19 16.20 21.83 0.15
CA ARG B 19 16.97 21.14 1.16
C ARG B 19 16.29 21.24 2.53
N GLY B 20 15.90 22.45 2.91
CA GLY B 20 15.32 22.63 4.22
C GLY B 20 13.86 22.20 4.30
N LEU B 21 13.16 22.23 3.18
CA LEU B 21 11.76 21.80 3.18
C LEU B 21 11.68 20.33 3.60
N HIS B 22 12.55 19.51 3.04
CA HIS B 22 12.58 18.09 3.35
C HIS B 22 13.07 17.82 4.77
N HIS B 23 13.91 18.72 5.29
CA HIS B 23 14.38 18.61 6.66
C HIS B 23 13.20 18.55 7.64
N LEU B 24 12.15 19.31 7.35
CA LEU B 24 10.95 19.32 8.18
C LEU B 24 10.46 17.88 8.43
N VAL B 25 10.31 17.14 7.34
CA VAL B 25 9.94 15.74 7.43
C VAL B 25 10.92 14.99 8.32
N TRP B 26 12.21 15.18 8.09
CA TRP B 26 13.21 14.48 8.88
C TRP B 26 13.13 14.75 10.38
N GLU B 27 12.67 15.94 10.76
CA GLU B 27 12.56 16.28 12.18
C GLU B 27 11.45 15.46 12.84
N ILE B 28 10.28 15.42 12.21
CA ILE B 28 9.16 14.64 12.72
C ILE B 28 9.48 13.14 12.73
N VAL B 29 10.06 12.67 11.62
CA VAL B 29 10.33 11.25 11.49
C VAL B 29 11.42 10.79 12.44
N ASP B 30 12.44 11.61 12.62
CA ASP B 30 13.45 11.35 13.64
C ASP B 30 12.81 11.15 15.02
N ASN B 31 11.83 11.97 15.34
CA ASN B 31 11.17 11.87 16.63
C ASN B 31 10.36 10.57 16.71
N SER B 32 9.76 10.16 15.61
CA SER B 32 9.07 8.88 15.61
C SER B 32 10.06 7.74 15.80
N ILE B 33 11.27 7.90 15.25
CA ILE B 33 12.31 6.89 15.41
C ILE B 33 12.66 6.72 16.89
N ASP B 34 12.79 7.85 17.60
CA ASP B 34 13.13 7.80 19.01
C ASP B 34 12.17 6.93 19.80
N GLU B 35 10.87 7.15 19.59
CA GLU B 35 9.84 6.32 20.23
C GLU B 35 10.03 4.85 19.89
N ALA B 36 10.55 4.56 18.70
CA ALA B 36 10.81 3.18 18.32
C ALA B 36 12.00 2.65 19.12
N LEU B 37 13.06 3.44 19.21
CA LEU B 37 14.25 3.02 19.93
C LEU B 37 13.93 2.89 21.41
N ALA B 38 13.01 3.72 21.89
CA ALA B 38 12.55 3.63 23.28
C ALA B 38 11.83 2.31 23.50
N GLY B 39 11.53 1.61 22.41
CA GLY B 39 10.96 0.28 22.51
C GLY B 39 9.48 0.22 22.18
N TYR B 40 8.89 1.34 21.81
CA TYR B 40 7.42 1.40 21.71
C TYR B 40 6.86 1.41 20.30
N ALA B 41 7.37 2.27 19.43
CA ALA B 41 6.92 2.29 18.04
C ALA B 41 7.64 1.20 17.25
N ASN B 42 6.93 0.53 16.34
CA ASN B 42 7.58 -0.28 15.31
C ASN B 42 7.01 0.01 13.92
N GLN B 43 6.13 1.00 13.84
CA GLN B 43 5.55 1.35 12.56
C GLN B 43 5.46 2.85 12.36
N ILE B 44 6.04 3.32 11.27
CA ILE B 44 5.98 4.74 10.92
C ILE B 44 5.49 4.88 9.49
N GLU B 45 4.53 5.77 9.27
CA GLU B 45 4.00 5.99 7.94
C GLU B 45 4.10 7.48 7.60
N VAL B 46 4.58 7.75 6.39
CA VAL B 46 4.78 9.11 5.93
C VAL B 46 3.97 9.34 4.66
N VAL B 47 3.01 10.27 4.72
CA VAL B 47 2.14 10.49 3.55
C VAL B 47 2.25 11.89 2.98
N ILE B 48 2.47 11.96 1.66
CA ILE B 48 2.44 13.22 0.95
C ILE B 48 1.02 13.38 0.43
N GLU B 49 0.21 14.18 1.13
CA GLU B 49 -1.18 14.37 0.77
C GLU B 49 -1.34 15.47 -0.27
N LYS B 50 -2.55 15.67 -0.76
CA LYS B 50 -2.84 16.76 -1.68
C LYS B 50 -2.25 18.08 -1.17
N ASP B 51 -1.86 18.95 -2.09
CA ASP B 51 -1.36 20.29 -1.75
C ASP B 51 -0.02 20.22 -1.02
N ASN B 52 0.61 19.05 -1.06
CA ASN B 52 1.87 18.81 -0.36
C ASN B 52 1.79 19.10 1.14
N TRP B 53 0.69 18.69 1.76
CA TRP B 53 0.70 18.43 3.20
C TRP B 53 1.59 17.22 3.42
N ILE B 54 2.21 17.15 4.60
CA ILE B 54 2.87 15.93 5.02
C ILE B 54 2.19 15.35 6.26
N LYS B 55 2.02 14.03 6.28
CA LYS B 55 1.46 13.36 7.45
C LYS B 55 2.38 12.26 7.90
N VAL B 56 2.74 12.31 9.18
CA VAL B 56 3.55 11.27 9.79
C VAL B 56 2.77 10.59 10.92
N THR B 57 2.62 9.28 10.80
CA THR B 57 1.93 8.48 11.80
C THR B 57 2.86 7.41 12.36
N ASP B 58 2.86 7.26 13.67
CA ASP B 58 3.57 6.16 14.33
C ASP B 58 2.69 5.55 15.41
N ASN B 59 3.06 4.37 15.89
CA ASN B 59 2.32 3.72 16.96
C ASN B 59 3.16 3.58 18.21
N GLY B 60 3.87 4.67 18.56
CA GLY B 60 4.52 4.70 19.87
C GLY B 60 3.47 4.99 20.92
N ARG B 61 3.85 5.72 21.97
CA ARG B 61 3.00 5.87 23.14
C ARG B 61 2.08 7.07 23.04
N GLY B 62 2.36 7.96 22.09
CA GLY B 62 1.59 9.19 21.99
C GLY B 62 2.24 10.30 22.79
N ILE B 63 2.29 11.49 22.21
CA ILE B 63 2.85 12.63 22.94
C ILE B 63 1.96 12.86 24.15
N PRO B 64 2.55 12.95 25.34
CA PRO B 64 1.75 13.08 26.57
C PRO B 64 0.80 14.26 26.46
N VAL B 65 -0.36 14.14 27.07
CA VAL B 65 -1.36 15.22 27.05
C VAL B 65 -1.70 15.73 28.43
N ASP B 66 -1.03 15.20 29.46
CA ASP B 66 -1.32 15.60 30.83
C ASP B 66 -0.93 17.07 31.05
N ILE B 67 -1.74 17.76 31.84
CA ILE B 67 -1.53 19.17 32.12
C ILE B 67 -0.25 19.38 32.91
N GLN B 68 0.60 20.28 32.43
CA GLN B 68 1.89 20.51 33.05
C GLN B 68 1.70 21.41 34.26
N GLU B 69 1.72 20.81 35.46
CA GLU B 69 1.59 21.56 36.69
C GLU B 69 2.70 22.60 36.73
N LYS B 70 2.39 23.80 36.24
CA LYS B 70 3.41 24.81 35.98
C LYS B 70 2.74 26.04 35.38
N MET B 71 1.99 25.83 34.30
CA MET B 71 1.18 26.88 33.70
C MET B 71 -0.26 26.41 33.55
N GLY B 72 -0.43 25.12 33.29
CA GLY B 72 -1.75 24.57 33.10
C GLY B 72 -2.04 24.17 31.66
N ARG B 73 -1.01 24.20 30.81
CA ARG B 73 -1.17 23.76 29.42
C ARG B 73 -0.82 22.27 29.29
N PRO B 74 -1.51 21.56 28.38
CA PRO B 74 -1.16 20.16 28.10
C PRO B 74 0.28 20.02 27.63
N ALA B 75 0.93 18.94 28.06
CA ALA B 75 2.31 18.68 27.65
C ALA B 75 2.47 18.77 26.13
N VAL B 76 1.50 18.23 25.38
CA VAL B 76 1.62 18.19 23.93
C VAL B 76 1.62 19.60 23.34
N GLU B 77 0.79 20.48 23.89
CA GLU B 77 0.79 21.86 23.46
C GLU B 77 2.13 22.51 23.76
N VAL B 78 2.61 22.34 24.98
CA VAL B 78 3.90 22.89 25.38
C VAL B 78 5.00 22.46 24.41
N ILE B 79 4.99 21.18 24.05
CA ILE B 79 6.04 20.63 23.17
C ILE B 79 5.89 21.13 21.74
N LEU B 80 4.65 21.21 21.25
CA LEU B 80 4.42 21.70 19.90
C LEU B 80 4.77 23.19 19.77
N THR B 81 4.53 23.97 20.82
CA THR B 81 4.80 25.39 20.72
C THR B 81 6.29 25.69 20.87
N SER B 82 7.09 24.62 20.91
CA SER B 82 8.55 24.75 20.82
C SER B 82 9.09 24.08 19.57
N SER B 83 8.20 23.50 18.76
CA SER B 83 8.62 22.76 17.58
C SER B 83 9.05 23.67 16.45
N VAL B 84 10.23 23.43 15.90
CA VAL B 84 10.67 24.14 14.70
C VAL B 84 9.74 23.82 13.52
N VAL B 85 9.39 22.55 13.36
CA VAL B 85 8.47 22.21 12.29
C VAL B 85 7.17 23.00 12.39
N ASN B 86 6.60 23.07 13.60
CA ASN B 86 5.36 23.82 13.82
C ASN B 86 5.53 25.29 13.45
N ALA B 87 6.66 25.86 13.86
CA ALA B 87 6.93 27.28 13.68
C ALA B 87 6.91 27.63 12.21
N LEU B 88 7.48 26.74 11.42
CA LEU B 88 7.64 26.95 9.99
C LEU B 88 6.56 26.25 9.16
N SER B 89 5.44 25.93 9.80
CA SER B 89 4.27 25.43 9.07
C SER B 89 3.08 26.39 9.17
N GLN B 90 2.55 26.81 8.04
CA GLN B 90 1.40 27.70 8.07
C GLN B 90 0.17 27.02 8.67
N ASP B 91 0.17 25.69 8.64
CA ASP B 91 -0.80 24.89 9.39
C ASP B 91 -0.17 23.61 9.88
N LEU B 92 -0.60 23.16 11.05
CA LEU B 92 -0.16 21.87 11.55
C LEU B 92 -1.23 21.30 12.46
N GLU B 93 -1.46 19.99 12.35
CA GLU B 93 -2.44 19.31 13.19
C GLU B 93 -1.80 18.14 13.91
N VAL B 94 -2.20 17.91 15.15
CA VAL B 94 -1.72 16.76 15.86
C VAL B 94 -2.91 15.96 16.36
N TYR B 95 -2.83 14.64 16.22
CA TYR B 95 -3.77 13.72 16.86
C TYR B 95 -3.00 12.75 17.73
N VAL B 96 -3.36 12.68 19.00
CA VAL B 96 -2.72 11.74 19.90
C VAL B 96 -3.65 10.63 20.31
N HIS B 97 -3.19 9.39 20.17
CA HIS B 97 -3.90 8.26 20.76
C HIS B 97 -3.25 7.86 22.08
N ARG B 98 -3.96 8.10 23.18
CA ARG B 98 -3.52 7.70 24.51
C ARG B 98 -4.75 7.60 25.39
N ASN B 99 -4.67 6.83 26.48
CA ASN B 99 -5.77 6.78 27.43
C ASN B 99 -7.01 6.32 26.67
N GLU B 100 -6.81 5.48 25.66
CA GLU B 100 -7.90 5.00 24.82
C GLU B 100 -8.69 6.17 24.22
N THR B 101 -8.05 7.33 24.14
CA THR B 101 -8.71 8.52 23.62
C THR B 101 -7.95 9.15 22.46
N ILE B 102 -8.68 9.85 21.60
CA ILE B 102 -8.05 10.62 20.54
C ILE B 102 -8.13 12.10 20.87
N TYR B 103 -6.98 12.76 20.97
CA TYR B 103 -6.93 14.18 21.31
C TYR B 103 -6.50 14.97 20.08
N HIS B 104 -7.06 16.16 19.90
CA HIS B 104 -6.71 16.95 18.72
C HIS B 104 -6.44 18.42 19.01
N GLN B 105 -5.50 18.98 18.27
CA GLN B 105 -5.27 20.42 18.32
C GLN B 105 -4.63 20.88 17.01
N ALA B 106 -4.87 22.14 16.65
CA ALA B 106 -4.28 22.69 15.43
C ALA B 106 -3.55 24.01 15.71
N TYR B 107 -2.62 24.35 14.82
CA TYR B 107 -1.75 25.48 15.02
C TYR B 107 -1.63 26.26 13.71
N LYS B 108 -1.27 27.54 13.81
CA LYS B 108 -0.88 28.30 12.63
C LYS B 108 0.41 29.06 12.93
N LYS B 109 1.45 28.79 12.16
CA LYS B 109 2.77 29.34 12.44
C LYS B 109 3.11 29.17 13.91
N GLY B 110 2.95 27.95 14.43
CA GLY B 110 3.32 27.66 15.79
C GLY B 110 2.33 28.12 16.84
N VAL B 111 1.26 28.77 16.41
CA VAL B 111 0.26 29.29 17.34
C VAL B 111 -1.01 28.42 17.38
N PRO B 112 -1.35 27.91 18.57
CA PRO B 112 -2.51 27.04 18.83
C PRO B 112 -3.84 27.73 18.47
N GLN B 113 -4.69 27.05 17.72
CA GLN B 113 -5.96 27.63 17.30
C GLN B 113 -7.11 27.28 18.26
N PHE B 114 -6.86 26.35 19.18
CA PHE B 114 -7.84 26.02 20.21
C PHE B 114 -7.29 25.04 21.22
N ASP B 115 -8.00 24.90 22.34
CA ASP B 115 -7.58 23.98 23.39
C ASP B 115 -7.65 22.52 22.92
N LEU B 116 -6.62 21.75 23.28
CA LEU B 116 -6.65 20.31 23.05
C LEU B 116 -8.03 19.80 23.38
N LYS B 117 -8.67 19.13 22.42
CA LYS B 117 -9.98 18.55 22.66
C LYS B 117 -10.05 17.07 22.31
N GLU B 118 -10.82 16.33 23.09
CA GLU B 118 -11.07 14.93 22.79
C GLU B 118 -12.06 14.84 21.64
N VAL B 119 -11.78 13.99 20.65
CA VAL B 119 -12.61 13.89 19.46
C VAL B 119 -13.06 12.47 19.12
N GLY B 120 -12.53 11.49 19.83
CA GLY B 120 -12.93 10.12 19.55
C GLY B 120 -12.38 9.15 20.58
N THR B 121 -12.47 7.86 20.26
CA THR B 121 -11.87 6.84 21.10
C THR B 121 -10.97 5.95 20.27
N THR B 122 -10.20 5.10 20.95
CA THR B 122 -9.18 4.32 20.28
C THR B 122 -8.75 3.16 21.18
N ASP B 123 -8.36 2.07 20.54
CA ASP B 123 -7.72 0.94 21.20
C ASP B 123 -6.24 0.89 20.81
N LYS B 124 -5.74 1.95 20.17
CA LYS B 124 -4.33 2.05 19.85
C LYS B 124 -3.71 3.25 20.57
N THR B 125 -2.38 3.29 20.59
CA THR B 125 -1.66 4.49 20.98
C THR B 125 -0.77 4.94 19.83
N GLY B 126 -0.50 6.24 19.79
CA GLY B 126 0.45 6.76 18.82
C GLY B 126 0.24 8.23 18.57
N THR B 127 0.98 8.75 17.60
CA THR B 127 0.88 10.17 17.28
C THR B 127 0.72 10.36 15.78
N VAL B 128 -0.14 11.31 15.41
CA VAL B 128 -0.26 11.78 14.04
C VAL B 128 0.05 13.28 13.92
N ILE B 129 0.91 13.62 12.96
CA ILE B 129 1.24 15.01 12.67
C ILE B 129 0.98 15.31 11.19
N ARG B 130 0.12 16.29 10.91
CA ARG B 130 -0.05 16.84 9.57
C ARG B 130 0.40 18.30 9.53
N PHE B 131 1.24 18.65 8.56
CA PHE B 131 1.64 20.04 8.38
C PHE B 131 1.82 20.41 6.91
N LYS B 132 1.46 21.65 6.59
CA LYS B 132 1.82 22.26 5.32
C LYS B 132 2.84 23.35 5.58
N ALA B 133 4.01 23.23 4.95
CA ALA B 133 5.09 24.18 5.16
C ALA B 133 4.61 25.61 4.85
N ASP B 134 5.13 26.59 5.59
CA ASP B 134 4.75 27.98 5.33
C ASP B 134 5.38 28.44 4.03
N GLY B 135 4.54 28.67 3.03
CA GLY B 135 5.05 29.13 1.74
C GLY B 135 5.78 30.44 1.87
N GLU B 136 5.40 31.23 2.87
CA GLU B 136 6.01 32.51 3.15
C GLU B 136 7.42 32.35 3.74
N ILE B 137 7.77 31.12 4.09
CA ILE B 137 9.13 30.81 4.55
C ILE B 137 9.91 30.05 3.49
N PHE B 138 9.24 29.11 2.83
CA PHE B 138 9.90 28.30 1.81
C PHE B 138 9.57 28.80 0.40
N THR B 139 9.93 30.06 0.15
CA THR B 139 9.79 30.66 -1.16
C THR B 139 10.90 30.13 -2.05
N GLU B 140 10.51 29.40 -3.09
CA GLU B 140 11.46 28.66 -3.92
C GLU B 140 10.76 27.39 -4.38
N THR B 141 10.50 26.49 -3.44
CA THR B 141 9.57 25.40 -3.66
C THR B 141 9.04 24.83 -2.34
N THR B 142 7.74 24.56 -2.30
CA THR B 142 7.14 23.83 -1.19
C THR B 142 6.63 22.46 -1.65
N VAL B 143 7.18 21.97 -2.76
CA VAL B 143 6.74 20.69 -3.32
C VAL B 143 7.79 19.62 -3.02
N TYR B 144 7.36 18.53 -2.42
CA TYR B 144 8.31 17.50 -2.01
C TYR B 144 8.77 16.64 -3.17
N ASN B 145 9.91 15.98 -2.99
CA ASN B 145 10.45 15.12 -4.03
C ASN B 145 10.44 13.68 -3.56
N TYR B 146 9.60 12.86 -4.19
CA TYR B 146 9.39 11.49 -3.76
C TYR B 146 10.72 10.76 -3.66
N GLU B 147 11.52 10.82 -4.71
CA GLU B 147 12.78 10.09 -4.71
C GLU B 147 13.62 10.50 -3.49
N THR B 148 13.61 11.78 -3.17
CA THR B 148 14.38 12.24 -2.02
C THR B 148 13.88 11.60 -0.74
N LEU B 149 12.58 11.71 -0.51
CA LEU B 149 11.96 11.14 0.68
C LEU B 149 12.18 9.64 0.76
N GLN B 150 11.95 8.96 -0.36
CA GLN B 150 12.10 7.52 -0.45
C GLN B 150 13.52 7.06 -0.11
N GLN B 151 14.52 7.72 -0.70
CA GLN B 151 15.91 7.32 -0.49
C GLN B 151 16.32 7.43 0.97
N ARG B 152 15.89 8.50 1.64
CA ARG B 152 16.25 8.67 3.04
C ARG B 152 15.39 7.81 3.96
N ILE B 153 14.14 7.54 3.54
CA ILE B 153 13.32 6.60 4.26
C ILE B 153 13.94 5.21 4.23
N ARG B 154 14.49 4.82 3.09
CA ARG B 154 15.11 3.51 2.95
C ARG B 154 16.30 3.34 3.91
N GLU B 155 17.14 4.36 3.98
CA GLU B 155 18.32 4.31 4.85
C GLU B 155 17.93 4.22 6.31
N LEU B 156 16.95 5.02 6.70
CA LEU B 156 16.49 5.01 8.08
C LEU B 156 16.00 3.62 8.47
N ALA B 157 15.19 3.00 7.60
CA ALA B 157 14.70 1.65 7.85
C ALA B 157 15.88 0.68 7.90
N PHE B 158 16.87 0.92 7.06
CA PHE B 158 18.06 0.09 7.04
C PHE B 158 18.92 0.33 8.27
N LEU B 159 18.99 1.57 8.73
CA LEU B 159 19.80 1.93 9.88
C LEU B 159 19.17 1.53 11.21
N ASN B 160 17.84 1.46 11.24
CA ASN B 160 17.10 1.12 12.45
C ASN B 160 16.20 -0.09 12.19
N LYS B 161 16.82 -1.26 12.04
CA LYS B 161 16.10 -2.46 11.65
C LYS B 161 14.95 -2.77 12.60
N GLY B 162 13.87 -3.32 12.04
CA GLY B 162 12.73 -3.69 12.85
C GLY B 162 11.64 -2.64 12.80
N ILE B 163 11.99 -1.44 12.35
CA ILE B 163 11.01 -0.39 12.17
C ILE B 163 10.46 -0.52 10.76
N GLN B 164 9.15 -0.64 10.64
CA GLN B 164 8.52 -0.61 9.34
C GLN B 164 8.25 0.84 9.01
N ILE B 165 8.86 1.34 7.94
CA ILE B 165 8.63 2.71 7.53
C ILE B 165 8.01 2.77 6.14
N THR B 166 6.84 3.36 6.05
CA THR B 166 6.13 3.41 4.78
C THR B 166 5.99 4.81 4.21
N LEU B 167 6.41 4.99 2.97
CA LEU B 167 6.18 6.25 2.26
C LEU B 167 5.07 6.06 1.24
N ARG B 168 4.10 6.97 1.24
CA ARG B 168 3.05 6.93 0.23
C ARG B 168 2.76 8.32 -0.30
N ASP B 169 2.72 8.43 -1.62
CA ASP B 169 2.42 9.68 -2.28
C ASP B 169 1.02 9.65 -2.85
N GLU B 170 0.11 10.44 -2.29
CA GLU B 170 -1.23 10.48 -2.82
C GLU B 170 -1.67 11.86 -3.29
N ARG B 171 -0.70 12.73 -3.57
CA ARG B 171 -0.99 14.03 -4.16
C ARG B 171 -1.89 13.84 -5.39
N ASP B 172 -1.63 12.79 -6.15
CA ASP B 172 -2.49 12.43 -7.26
C ASP B 172 -3.32 11.21 -6.90
N GLU B 173 -4.60 11.42 -6.63
CA GLU B 173 -5.49 10.33 -6.23
C GLU B 173 -5.70 9.29 -7.33
N GLU B 174 -5.36 9.62 -8.57
CA GLU B 174 -5.57 8.68 -9.68
C GLU B 174 -4.38 7.74 -9.86
N ASN B 175 -3.28 8.04 -9.17
CA ASN B 175 -2.06 7.28 -9.31
C ASN B 175 -1.26 7.36 -8.02
N VAL B 176 -1.61 6.51 -7.06
CA VAL B 176 -0.95 6.53 -5.77
C VAL B 176 0.28 5.63 -5.81
N ARG B 177 1.36 6.10 -5.22
CA ARG B 177 2.64 5.39 -5.22
C ARG B 177 3.00 5.08 -3.77
N GLU B 178 3.54 3.89 -3.53
CA GLU B 178 3.96 3.54 -2.18
C GLU B 178 5.17 2.63 -2.16
N ASP B 179 6.05 2.88 -1.20
CA ASP B 179 7.20 2.03 -0.94
C ASP B 179 7.23 1.73 0.55
N SER B 180 7.49 0.48 0.91
CA SER B 180 7.49 0.09 2.30
C SER B 180 8.75 -0.70 2.67
N TYR B 181 9.39 -0.31 3.77
CA TYR B 181 10.68 -0.86 4.16
C TYR B 181 10.65 -1.47 5.57
N HIS B 182 11.22 -2.66 5.71
CA HIS B 182 11.17 -3.38 6.96
C HIS B 182 12.36 -4.33 6.97
N TYR B 183 13.42 -3.92 7.66
CA TYR B 183 14.62 -4.71 7.67
C TYR B 183 14.69 -5.53 8.94
N GLU B 184 15.02 -6.82 8.82
CA GLU B 184 15.09 -7.69 9.98
C GLU B 184 16.35 -7.37 10.78
C1 B47 C . -9.65 -18.41 -13.80
O2 B47 C . -9.19 -17.22 -13.09
C3 B47 C . -9.72 -16.02 -13.43
O4 B47 C . -10.02 -15.77 -14.60
N5 B47 C . -9.90 -15.09 -12.46
C6 B47 C . -10.46 -13.76 -12.75
C7 B47 C . -11.94 -13.77 -12.50
C8 B47 C . -12.88 -14.41 -13.23
C9 B47 C . -14.13 -14.17 -12.65
N10 B47 C . -13.93 -13.39 -11.59
N11 B47 C . -12.57 -13.15 -11.48
C13 B47 C . -15.48 -14.65 -13.09
S14 B47 C . -16.93 -14.28 -12.20
C15 B47 C . -17.91 -15.16 -13.36
N16 B47 C . -17.15 -15.66 -14.29
C17 B47 C . -15.85 -15.42 -14.21
N18 B47 C . -14.93 -15.93 -15.19
C19 B47 C . -15.60 -16.10 -16.52
C20 B47 C . -14.56 -16.47 -17.61
C21 B47 C . -13.71 -17.70 -17.18
O22 B47 C . -12.61 -17.83 -18.08
C23 B47 C . -13.15 -17.51 -15.74
C24 B47 C . -14.31 -17.20 -14.77
C25 B47 C . -19.39 -15.29 -13.28
C26 B47 C . -20.13 -15.72 -14.43
C27 B47 C . -21.54 -15.84 -14.35
C28 B47 C . -22.21 -15.53 -13.14
C29 B47 C . -21.48 -15.12 -12.01
C30 B47 C . -20.07 -14.99 -12.07
C1 B47 D . 6.00 17.15 17.27
O2 B47 D . 5.66 16.03 16.39
C3 B47 D . 6.43 14.91 16.45
O4 B47 D . 7.62 14.98 16.69
N5 B47 D . 5.85 13.69 16.21
C6 B47 D . 6.64 12.44 16.25
C7 B47 D . 6.45 11.76 17.59
C8 B47 D . 6.90 12.20 18.79
C9 B47 D . 6.50 11.25 19.77
N10 B47 D . 5.84 10.29 19.14
N11 B47 D . 5.80 10.59 17.79
C13 B47 D . 6.74 11.26 21.25
S14 B47 D . 6.07 10.04 22.33
C15 B47 D . 6.83 10.79 23.72
N16 B47 D . 7.51 11.84 23.32
C17 B47 D . 7.49 12.14 22.03
N18 B47 D . 8.20 13.27 21.50
C19 B47 D . 9.47 13.56 22.23
C20 B47 D . 10.31 14.56 21.41
C21 B47 D . 9.49 15.84 21.09
O22 B47 D . 10.23 16.68 20.20
C23 B47 D . 8.14 15.47 20.43
C24 B47 D . 7.38 14.49 21.35
C25 B47 D . 6.72 10.27 25.11
C26 B47 D . 7.51 10.82 26.16
C27 B47 D . 7.38 10.33 27.47
C28 B47 D . 6.46 9.28 27.74
C29 B47 D . 5.68 8.73 26.72
C30 B47 D . 5.81 9.22 25.41
#